data_1EIT
#
_entry.id   1EIT
#
_cell.length_a   1.000
_cell.length_b   1.000
_cell.length_c   1.000
_cell.angle_alpha   90.00
_cell.angle_beta   90.00
_cell.angle_gamma   90.00
#
_symmetry.space_group_name_H-M   'P 1'
#
_entity_poly.entity_id   1
_entity_poly.type   'polypeptide(L)'
_entity_poly.pdbx_seq_one_letter_code
;ECVPENGHCRDWYDECCEGFYCSCRQPPKCICRNNN(NH2)
;
_entity_poly.pdbx_strand_id   A
#
loop_
_chem_comp.id
_chem_comp.type
_chem_comp.name
_chem_comp.formula
NH2 non-polymer 'AMINO GROUP' 'H2 N'
#
# COMPACT_ATOMS: atom_id res chain seq x y z
N GLU A 1 9.82 -7.62 5.67
CA GLU A 1 9.06 -7.54 4.41
C GLU A 1 7.63 -7.05 4.73
N CYS A 2 7.24 -5.89 4.16
CA CYS A 2 5.92 -5.25 4.40
C CYS A 2 4.98 -5.76 3.24
N VAL A 3 4.24 -4.84 2.60
CA VAL A 3 3.55 -5.06 1.32
C VAL A 3 4.40 -4.13 0.35
N PRO A 4 5.32 -4.58 -0.54
CA PRO A 4 5.94 -3.73 -1.59
C PRO A 4 4.98 -3.05 -2.59
N GLU A 5 5.62 -2.32 -3.51
CA GLU A 5 4.99 -1.66 -4.67
C GLU A 5 4.26 -2.68 -5.58
N ASN A 6 3.12 -2.16 -6.07
CA ASN A 6 2.01 -2.91 -6.77
C ASN A 6 1.40 -4.08 -5.90
N GLY A 7 1.84 -4.30 -4.63
CA GLY A 7 1.16 -5.16 -3.65
C GLY A 7 -0.04 -4.41 -3.10
N HIS A 8 -1.10 -5.19 -3.02
CA HIS A 8 -2.47 -4.68 -2.74
C HIS A 8 -2.62 -4.51 -1.21
N CYS A 9 -2.92 -3.27 -0.74
CA CYS A 9 -2.81 -2.97 0.70
C CYS A 9 -4.17 -2.43 1.27
N ARG A 10 -4.09 -1.63 2.34
CA ARG A 10 -5.24 -1.14 3.13
C ARG A 10 -4.58 -0.15 4.12
N ASP A 11 -4.93 1.15 4.02
CA ASP A 11 -4.42 2.20 4.97
C ASP A 11 -5.20 2.19 6.34
N TRP A 12 -5.22 1.01 6.97
CA TRP A 12 -6.04 0.62 8.14
C TRP A 12 -5.47 -0.73 8.70
N TYR A 13 -5.28 -1.77 7.84
CA TYR A 13 -4.96 -3.16 8.28
C TYR A 13 -3.63 -3.64 7.59
N ASP A 14 -3.55 -3.72 6.25
CA ASP A 14 -2.38 -4.29 5.53
C ASP A 14 -1.37 -3.15 5.22
N GLU A 15 -0.21 -3.18 5.90
CA GLU A 15 0.75 -2.05 5.92
C GLU A 15 1.77 -2.15 4.74
N CYS A 16 1.80 -1.10 3.89
CA CYS A 16 2.86 -0.94 2.88
C CYS A 16 4.17 -0.46 3.53
N CYS A 17 5.29 -0.79 2.86
CA CYS A 17 6.65 -0.44 3.40
C CYS A 17 6.88 1.11 3.59
N GLU A 18 7.91 1.42 4.41
CA GLU A 18 8.46 2.79 4.57
C GLU A 18 9.51 3.00 3.42
N GLY A 19 8.93 3.61 2.42
CA GLY A 19 9.48 3.80 1.07
C GLY A 19 8.39 3.89 -0.03
N PHE A 20 7.23 3.22 0.14
CA PHE A 20 6.04 3.41 -0.73
C PHE A 20 4.83 3.52 0.23
N TYR A 21 4.06 4.60 0.07
CA TYR A 21 2.85 4.87 0.89
C TYR A 21 1.65 4.09 0.31
N CYS A 22 0.76 3.58 1.19
CA CYS A 22 -0.41 2.77 0.77
C CYS A 22 -1.54 3.70 0.23
N SER A 23 -1.54 3.84 -1.10
CA SER A 23 -2.54 4.61 -1.87
C SER A 23 -3.85 3.80 -2.05
N CYS A 24 -4.89 4.14 -1.27
CA CYS A 24 -6.15 3.34 -1.20
C CYS A 24 -7.23 4.20 -1.89
N ARG A 25 -7.29 4.02 -3.21
CA ARG A 25 -8.16 4.80 -4.16
C ARG A 25 -9.66 4.77 -3.76
N GLN A 26 -10.24 3.57 -3.51
CA GLN A 26 -11.58 3.42 -2.92
C GLN A 26 -11.48 2.16 -2.00
N PRO A 27 -11.35 2.22 -0.64
CA PRO A 27 -11.18 1.01 0.22
C PRO A 27 -12.29 -0.08 0.05
N PRO A 28 -12.02 -1.41 -0.07
CA PRO A 28 -10.69 -2.04 0.19
C PRO A 28 -9.63 -2.02 -0.96
N LYS A 29 -9.90 -1.56 -2.22
CA LYS A 29 -8.88 -1.65 -3.32
C LYS A 29 -7.80 -0.54 -3.11
N CYS A 30 -6.54 -1.01 -3.08
CA CYS A 30 -5.34 -0.21 -2.74
C CYS A 30 -4.10 -0.89 -3.36
N ILE A 31 -3.03 -0.11 -3.41
CA ILE A 31 -1.67 -0.63 -3.71
C ILE A 31 -0.68 0.33 -2.99
N CYS A 32 0.55 -0.15 -3.00
CA CYS A 32 1.73 0.59 -2.67
C CYS A 32 2.19 1.42 -3.90
N ARG A 33 2.48 2.64 -3.52
CA ARG A 33 2.70 3.78 -4.43
C ARG A 33 3.87 4.65 -3.91
N ASN A 34 4.90 4.87 -4.75
CA ASN A 34 6.14 5.59 -4.35
C ASN A 34 5.86 7.10 -4.04
N ASN A 35 6.49 7.60 -2.95
CA ASN A 35 6.52 9.05 -2.63
C ASN A 35 7.63 9.73 -3.51
N ASN A 36 7.18 10.67 -4.35
CA ASN A 36 8.05 11.33 -5.37
C ASN A 36 8.13 12.83 -5.04
N NH2 A 37 9.41 13.36 -4.55
HN1 NH2 A 37 10.22 12.73 -4.43
HN2 NH2 A 37 9.50 14.35 -4.31
N GLU A 1 4.72 -6.09 8.19
CA GLU A 1 5.28 -6.74 6.97
C GLU A 1 5.13 -5.76 5.79
N CYS A 2 6.27 -5.42 5.14
CA CYS A 2 6.29 -4.60 3.91
C CYS A 2 5.96 -5.37 2.61
N VAL A 3 5.36 -4.49 1.80
CA VAL A 3 4.78 -4.79 0.47
C VAL A 3 5.27 -3.65 -0.48
N PRO A 4 6.13 -3.81 -1.53
CA PRO A 4 6.37 -2.72 -2.49
C PRO A 4 5.23 -2.59 -3.55
N GLU A 5 5.58 -1.91 -4.62
CA GLU A 5 4.64 -1.43 -5.64
C GLU A 5 3.76 -2.50 -6.29
N ASN A 6 2.58 -1.98 -6.66
CA ASN A 6 1.37 -2.76 -7.13
C ASN A 6 1.02 -4.03 -6.25
N GLY A 7 1.52 -4.11 -4.99
CA GLY A 7 1.08 -5.09 -3.99
C GLY A 7 -0.04 -4.42 -3.20
N HIS A 8 -1.07 -5.23 -3.03
CA HIS A 8 -2.39 -4.77 -2.52
C HIS A 8 -2.33 -4.56 -0.99
N CYS A 9 -2.84 -3.42 -0.47
CA CYS A 9 -2.73 -3.11 0.97
C CYS A 9 -4.12 -2.68 1.49
N ARG A 10 -5.02 -3.67 1.69
CA ARG A 10 -6.43 -3.46 1.99
C ARG A 10 -6.68 -3.86 3.48
N ASP A 11 -7.93 -4.25 3.69
CA ASP A 11 -8.45 -4.85 4.96
C ASP A 11 -8.31 -6.43 4.95
N TRP A 12 -7.18 -6.93 4.45
CA TRP A 12 -6.98 -8.37 4.14
C TRP A 12 -5.47 -8.73 4.05
N TYR A 13 -4.65 -7.96 3.30
CA TYR A 13 -3.25 -8.34 2.95
C TYR A 13 -2.27 -7.78 4.04
N ASP A 14 -1.42 -6.79 3.71
CA ASP A 14 -0.30 -6.33 4.58
C ASP A 14 0.10 -4.87 4.17
N GLU A 15 0.83 -4.19 5.06
CA GLU A 15 1.17 -2.74 4.93
C GLU A 15 2.24 -2.47 3.84
N CYS A 16 2.15 -1.30 3.18
CA CYS A 16 3.17 -0.83 2.22
C CYS A 16 4.44 -0.34 2.98
N CYS A 17 5.56 -0.52 2.28
CA CYS A 17 6.94 -0.38 2.82
C CYS A 17 7.31 1.03 3.40
N GLU A 18 8.51 1.10 4.01
CA GLU A 18 9.13 2.36 4.51
C GLU A 18 9.97 2.93 3.33
N GLY A 19 9.24 3.77 2.62
CA GLY A 19 9.61 4.33 1.31
C GLY A 19 8.45 4.36 0.27
N PHE A 20 7.36 3.58 0.47
CA PHE A 20 6.11 3.68 -0.33
C PHE A 20 4.95 3.96 0.68
N TYR A 21 4.04 4.81 0.23
CA TYR A 21 2.75 5.06 0.93
C TYR A 21 1.66 4.16 0.28
N CYS A 22 0.74 3.64 1.12
CA CYS A 22 -0.39 2.79 0.66
C CYS A 22 -1.50 3.69 0.02
N SER A 23 -1.43 3.78 -1.33
CA SER A 23 -2.41 4.53 -2.16
C SER A 23 -3.74 3.75 -2.30
N CYS A 24 -4.80 4.19 -1.59
CA CYS A 24 -6.07 3.43 -1.49
C CYS A 24 -7.12 4.17 -2.35
N ARG A 25 -7.05 3.85 -3.66
CA ARG A 25 -7.79 4.57 -4.74
C ARG A 25 -9.35 4.52 -4.61
N GLN A 26 -9.95 3.33 -4.39
CA GLN A 26 -11.39 3.19 -4.05
C GLN A 26 -11.44 2.31 -2.76
N PRO A 27 -11.44 2.85 -1.51
CA PRO A 27 -11.27 2.03 -0.27
C PRO A 27 -12.34 0.90 -0.04
N PRO A 28 -12.00 -0.36 0.39
CA PRO A 28 -10.63 -0.76 0.84
C PRO A 28 -9.59 -1.12 -0.27
N LYS A 29 -9.92 -1.10 -1.59
CA LYS A 29 -9.00 -1.48 -2.70
C LYS A 29 -7.80 -0.50 -2.80
N CYS A 30 -6.59 -1.05 -2.65
CA CYS A 30 -5.34 -0.25 -2.49
C CYS A 30 -4.15 -1.00 -3.12
N ILE A 31 -3.10 -0.22 -3.34
CA ILE A 31 -1.75 -0.72 -3.72
C ILE A 31 -0.72 0.13 -2.91
N CYS A 32 0.54 -0.29 -3.04
CA CYS A 32 1.71 0.45 -2.64
C CYS A 32 2.20 1.30 -3.84
N ARG A 33 2.62 2.48 -3.45
CA ARG A 33 2.91 3.60 -4.38
C ARG A 33 4.01 4.54 -3.80
N ASN A 34 5.03 4.85 -4.63
CA ASN A 34 6.25 5.59 -4.17
C ASN A 34 5.95 7.09 -3.86
N ASN A 35 6.66 7.62 -2.86
CA ASN A 35 6.52 9.05 -2.43
C ASN A 35 7.29 9.99 -3.43
N ASN A 36 8.64 9.90 -3.52
CA ASN A 36 9.52 10.72 -4.42
C ASN A 36 9.39 12.22 -4.05
N NH2 A 37 10.38 12.78 -3.10
HN1 NH2 A 37 11.11 12.18 -2.71
HN2 NH2 A 37 10.32 13.78 -2.84
N GLU A 1 9.61 -8.43 3.03
CA GLU A 1 9.62 -6.96 3.26
C GLU A 1 8.20 -6.42 2.90
N CYS A 2 7.32 -6.36 3.93
CA CYS A 2 5.94 -5.81 3.93
C CYS A 2 5.13 -6.26 2.63
N VAL A 3 4.25 -5.38 2.13
CA VAL A 3 3.65 -5.47 0.79
C VAL A 3 4.48 -4.39 -0.02
N PRO A 4 5.32 -4.63 -1.05
CA PRO A 4 5.89 -3.54 -1.90
C PRO A 4 4.94 -3.13 -3.04
N GLU A 5 5.52 -2.49 -4.07
CA GLU A 5 4.79 -1.81 -5.15
C GLU A 5 3.93 -2.77 -6.00
N ASN A 6 2.81 -2.14 -6.39
CA ASN A 6 1.62 -2.77 -7.02
C ASN A 6 1.01 -3.99 -6.20
N GLY A 7 1.55 -4.37 -5.01
CA GLY A 7 0.91 -5.29 -4.06
C GLY A 7 -0.19 -4.53 -3.34
N HIS A 8 -1.29 -5.27 -3.23
CA HIS A 8 -2.59 -4.71 -2.79
C HIS A 8 -2.66 -4.70 -1.24
N CYS A 9 -2.94 -3.53 -0.59
CA CYS A 9 -2.75 -3.45 0.87
C CYS A 9 -4.12 -3.28 1.60
N ARG A 10 -4.03 -3.64 2.89
CA ARG A 10 -5.05 -3.39 3.92
C ARG A 10 -4.22 -2.74 5.05
N ASP A 11 -4.33 -1.40 5.19
CA ASP A 11 -3.45 -0.59 6.07
C ASP A 11 -3.89 -0.64 7.58
N TRP A 12 -3.86 -1.87 8.10
CA TRP A 12 -4.42 -2.31 9.39
C TRP A 12 -3.75 -3.68 9.73
N TYR A 13 -3.82 -4.69 8.81
CA TYR A 13 -3.29 -6.06 9.01
C TYR A 13 -2.11 -6.30 8.02
N ASP A 14 -2.35 -6.33 6.68
CA ASP A 14 -1.30 -6.56 5.65
C ASP A 14 -0.97 -5.23 4.92
N GLU A 15 -0.15 -4.38 5.57
CA GLU A 15 0.10 -2.97 5.13
C GLU A 15 1.29 -2.86 4.12
N CYS A 16 1.34 -1.71 3.40
CA CYS A 16 2.52 -1.37 2.57
C CYS A 16 3.71 -0.96 3.46
N CYS A 17 4.92 -1.22 2.93
CA CYS A 17 6.19 -0.77 3.60
C CYS A 17 6.23 0.76 3.94
N GLU A 18 6.98 1.03 5.04
CA GLU A 18 7.38 2.39 5.46
C GLU A 18 8.68 2.72 4.66
N GLY A 19 8.35 3.49 3.65
CA GLY A 19 9.18 3.87 2.50
C GLY A 19 8.27 4.23 1.29
N PHE A 20 7.25 3.38 1.00
CA PHE A 20 6.16 3.72 0.05
C PHE A 20 4.94 4.21 0.89
N TYR A 21 4.08 5.03 0.28
CA TYR A 21 2.76 5.37 0.87
C TYR A 21 1.74 4.39 0.21
N CYS A 22 0.77 3.83 0.99
CA CYS A 22 -0.24 2.96 0.40
C CYS A 22 -1.38 3.85 -0.17
N SER A 23 -1.40 3.86 -1.50
CA SER A 23 -2.44 4.58 -2.31
C SER A 23 -3.79 3.78 -2.32
N CYS A 24 -4.76 4.21 -1.50
CA CYS A 24 -6.01 3.46 -1.25
C CYS A 24 -7.14 4.21 -1.98
N ARG A 25 -7.26 3.92 -3.28
CA ARG A 25 -8.13 4.69 -4.23
C ARG A 25 -9.66 4.57 -3.88
N GLN A 26 -10.18 3.34 -3.69
CA GLN A 26 -11.55 3.13 -3.15
C GLN A 26 -11.39 2.15 -1.95
N PRO A 27 -11.23 2.60 -0.65
CA PRO A 27 -10.89 1.69 0.49
C PRO A 27 -11.95 0.56 0.78
N PRO A 28 -11.59 -0.72 1.12
CA PRO A 28 -10.20 -1.17 1.41
C PRO A 28 -9.29 -1.56 0.18
N LYS A 29 -9.72 -1.35 -1.08
CA LYS A 29 -8.91 -1.65 -2.30
C LYS A 29 -7.78 -0.58 -2.43
N CYS A 30 -6.53 -1.08 -2.47
CA CYS A 30 -5.31 -0.23 -2.36
C CYS A 30 -4.12 -0.93 -3.04
N ILE A 31 -3.03 -0.19 -3.21
CA ILE A 31 -1.69 -0.72 -3.59
C ILE A 31 -0.63 0.18 -2.91
N CYS A 32 0.60 -0.31 -2.99
CA CYS A 32 1.80 0.44 -2.68
C CYS A 32 2.20 1.32 -3.89
N ARG A 33 2.64 2.50 -3.50
CA ARG A 33 2.86 3.62 -4.43
C ARG A 33 3.98 4.56 -3.89
N ASN A 34 4.97 4.86 -4.74
CA ASN A 34 6.19 5.60 -4.33
C ASN A 34 5.91 7.13 -4.22
N ASN A 35 6.47 7.75 -3.15
CA ASN A 35 6.40 9.23 -2.95
C ASN A 35 7.53 9.91 -3.80
N ASN A 36 7.12 10.89 -4.61
CA ASN A 36 8.02 11.62 -5.54
C ASN A 36 7.79 13.13 -5.35
N NH2 A 37 8.83 13.91 -4.64
HN1 NH2 A 37 9.68 13.45 -4.30
HN2 NH2 A 37 8.71 14.92 -4.50
N GLU A 1 8.98 -8.32 6.04
CA GLU A 1 8.93 -6.85 6.27
C GLU A 1 8.26 -6.20 5.04
N CYS A 2 7.10 -5.52 5.29
CA CYS A 2 6.33 -4.74 4.29
C CYS A 2 5.78 -5.54 3.07
N VAL A 3 4.82 -4.81 2.51
CA VAL A 3 4.19 -5.06 1.19
C VAL A 3 4.84 -4.06 0.17
N PRO A 4 5.78 -4.39 -0.77
CA PRO A 4 6.23 -3.49 -1.86
C PRO A 4 5.15 -2.91 -2.79
N GLU A 5 5.66 -2.12 -3.75
CA GLU A 5 4.90 -1.49 -4.84
C GLU A 5 4.17 -2.55 -5.71
N ASN A 6 2.99 -2.10 -6.15
CA ASN A 6 1.89 -2.89 -6.80
C ASN A 6 1.38 -4.09 -5.89
N GLY A 7 1.79 -4.19 -4.61
CA GLY A 7 1.18 -5.09 -3.60
C GLY A 7 -0.02 -4.37 -3.01
N HIS A 8 -1.07 -5.17 -2.95
CA HIS A 8 -2.46 -4.68 -2.65
C HIS A 8 -2.60 -4.48 -1.13
N CYS A 9 -2.98 -3.26 -0.68
CA CYS A 9 -2.89 -2.89 0.75
C CYS A 9 -4.25 -2.32 1.26
N ARG A 10 -5.26 -3.20 1.35
CA ARG A 10 -6.67 -2.84 1.57
C ARG A 10 -7.20 -3.32 2.95
N ASP A 11 -8.43 -3.80 2.91
CA ASP A 11 -9.24 -4.35 4.00
C ASP A 11 -8.59 -5.66 4.52
N TRP A 12 -7.97 -5.41 5.68
CA TRP A 12 -7.03 -6.30 6.46
C TRP A 12 -5.77 -6.49 5.56
N TYR A 13 -4.63 -5.96 6.05
CA TYR A 13 -3.41 -5.83 5.28
C TYR A 13 -2.25 -5.52 6.27
N ASP A 14 -1.14 -6.12 5.89
CA ASP A 14 0.21 -5.82 6.45
C ASP A 14 0.68 -4.49 5.78
N GLU A 15 1.29 -3.57 6.57
CA GLU A 15 1.58 -2.17 6.12
C GLU A 15 2.51 -2.10 4.87
N CYS A 16 2.30 -1.09 4.00
CA CYS A 16 3.21 -0.86 2.85
C CYS A 16 4.58 -0.30 3.32
N CYS A 17 5.58 -0.52 2.46
CA CYS A 17 7.02 -0.17 2.73
C CYS A 17 7.29 1.27 3.28
N GLU A 18 8.46 1.42 3.93
CA GLU A 18 9.01 2.74 4.31
C GLU A 18 9.92 3.14 3.12
N GLY A 19 9.21 3.87 2.26
CA GLY A 19 9.62 4.24 0.91
C GLY A 19 8.46 4.20 -0.13
N PHE A 20 7.41 3.37 0.07
CA PHE A 20 6.17 3.45 -0.75
C PHE A 20 4.98 3.51 0.26
N TYR A 21 4.16 4.54 0.11
CA TYR A 21 2.95 4.76 0.95
C TYR A 21 1.76 3.95 0.36
N CYS A 22 0.85 3.48 1.24
CA CYS A 22 -0.35 2.72 0.80
C CYS A 22 -1.44 3.69 0.24
N SER A 23 -1.45 3.78 -1.10
CA SER A 23 -2.48 4.53 -1.87
C SER A 23 -3.79 3.69 -2.02
N CYS A 24 -4.86 4.06 -1.31
CA CYS A 24 -6.15 3.33 -1.34
C CYS A 24 -7.15 4.20 -2.14
N ARG A 25 -7.11 3.96 -3.46
CA ARG A 25 -7.83 4.78 -4.49
C ARG A 25 -9.38 4.78 -4.29
N GLN A 26 -10.03 3.61 -4.31
CA GLN A 26 -11.45 3.45 -3.92
C GLN A 26 -11.55 2.05 -3.23
N PRO A 27 -11.56 1.88 -1.87
CA PRO A 27 -11.56 0.55 -1.19
C PRO A 27 -12.69 -0.43 -1.65
N PRO A 28 -12.46 -1.76 -1.89
CA PRO A 28 -11.20 -2.48 -1.55
C PRO A 28 -10.01 -2.40 -2.57
N LYS A 29 -9.98 -1.48 -3.56
CA LYS A 29 -8.78 -1.24 -4.41
C LYS A 29 -7.77 -0.35 -3.62
N CYS A 30 -6.60 -0.94 -3.36
CA CYS A 30 -5.40 -0.23 -2.84
C CYS A 30 -4.16 -0.96 -3.39
N ILE A 31 -3.09 -0.19 -3.42
CA ILE A 31 -1.72 -0.71 -3.68
C ILE A 31 -0.74 0.26 -2.97
N CYS A 32 0.50 -0.21 -2.99
CA CYS A 32 1.69 0.53 -2.66
C CYS A 32 2.12 1.40 -3.87
N ARG A 33 2.49 2.59 -3.46
CA ARG A 33 2.70 3.75 -4.36
C ARG A 33 3.85 4.66 -3.86
N ASN A 34 4.79 5.02 -4.77
CA ASN A 34 6.02 5.78 -4.40
C ASN A 34 5.72 7.25 -3.99
N ASN A 35 6.48 7.72 -2.98
CA ASN A 35 6.38 9.11 -2.44
C ASN A 35 7.06 10.14 -3.40
N ASN A 36 6.64 11.41 -3.26
CA ASN A 36 7.10 12.59 -4.05
C ASN A 36 6.73 12.40 -5.55
N NH2 A 37 5.47 12.98 -6.03
HN1 NH2 A 37 4.87 13.51 -5.38
HN2 NH2 A 37 5.19 12.87 -7.01
N GLU A 1 7.86 -6.01 8.45
CA GLU A 1 7.27 -6.72 7.29
C GLU A 1 6.47 -5.68 6.45
N CYS A 2 6.99 -5.37 5.24
CA CYS A 2 6.26 -4.57 4.24
C CYS A 2 5.86 -5.39 2.97
N VAL A 3 4.88 -4.70 2.37
CA VAL A 3 4.33 -4.93 1.01
C VAL A 3 5.06 -3.93 0.05
N PRO A 4 5.92 -4.25 -0.95
CA PRO A 4 6.40 -3.24 -1.92
C PRO A 4 5.31 -2.80 -2.92
N GLU A 5 5.76 -2.19 -4.00
CA GLU A 5 4.91 -1.49 -4.96
C GLU A 5 4.19 -2.53 -5.85
N ASN A 6 2.98 -2.07 -6.19
CA ASN A 6 1.88 -2.82 -6.83
C ASN A 6 1.32 -4.02 -5.95
N GLY A 7 1.83 -4.23 -4.70
CA GLY A 7 1.21 -5.14 -3.71
C GLY A 7 0.04 -4.40 -3.06
N HIS A 8 -1.02 -5.17 -2.97
CA HIS A 8 -2.37 -4.66 -2.62
C HIS A 8 -2.59 -4.62 -1.08
N CYS A 9 -3.16 -3.51 -0.54
CA CYS A 9 -3.47 -3.44 0.91
C CYS A 9 -5.00 -3.16 1.10
N ARG A 10 -5.50 -3.40 2.32
CA ARG A 10 -6.91 -3.29 2.68
C ARG A 10 -7.03 -2.18 3.77
N ASP A 11 -8.08 -2.33 4.53
CA ASP A 11 -8.51 -1.46 5.63
C ASP A 11 -7.85 -1.97 6.95
N TRP A 12 -6.60 -1.51 7.13
CA TRP A 12 -5.60 -1.96 8.16
C TRP A 12 -5.48 -3.52 8.15
N TYR A 13 -4.39 -3.97 7.52
CA TYR A 13 -4.17 -5.40 7.18
C TYR A 13 -2.64 -5.65 7.06
N ASP A 14 -2.00 -5.28 5.93
CA ASP A 14 -0.53 -5.42 5.72
C ASP A 14 -0.06 -4.09 5.06
N GLU A 15 0.82 -3.37 5.78
CA GLU A 15 1.21 -1.98 5.43
C GLU A 15 2.29 -1.95 4.31
N CYS A 16 2.20 -0.92 3.45
CA CYS A 16 3.24 -0.62 2.43
C CYS A 16 4.53 -0.04 3.06
N CYS A 17 5.61 -0.22 2.31
CA CYS A 17 7.03 0.06 2.76
C CYS A 17 7.30 1.50 3.33
N GLU A 18 8.48 1.64 3.99
CA GLU A 18 9.02 2.97 4.37
C GLU A 18 9.94 3.39 3.16
N GLY A 19 9.21 4.06 2.28
CA GLY A 19 9.61 4.41 0.91
C GLY A 19 8.43 4.34 -0.11
N PHE A 20 7.39 3.50 0.11
CA PHE A 20 6.13 3.56 -0.68
C PHE A 20 4.97 3.63 0.35
N TYR A 21 4.15 4.66 0.20
CA TYR A 21 2.89 4.84 0.99
C TYR A 21 1.74 4.02 0.34
N CYS A 22 0.75 3.51 1.12
CA CYS A 22 -0.33 2.72 0.51
C CYS A 22 -1.41 3.71 -0.01
N SER A 23 -1.39 3.86 -1.34
CA SER A 23 -2.42 4.64 -2.11
C SER A 23 -3.77 3.87 -2.21
N CYS A 24 -4.75 4.23 -1.36
CA CYS A 24 -6.01 3.47 -1.21
C CYS A 24 -7.13 4.35 -1.80
N ARG A 25 -7.26 4.25 -3.13
CA ARG A 25 -8.12 5.16 -3.96
C ARG A 25 -9.65 5.02 -3.64
N GLN A 26 -10.19 3.78 -3.61
CA GLN A 26 -11.55 3.51 -3.10
C GLN A 26 -11.44 2.25 -2.18
N PRO A 27 -11.25 2.35 -0.82
CA PRO A 27 -11.06 1.17 0.07
C PRO A 27 -12.21 0.10 0.02
N PRO A 28 -11.98 -1.24 0.00
CA PRO A 28 -10.66 -1.89 0.26
C PRO A 28 -9.63 -1.96 -0.94
N LYS A 29 -9.90 -1.36 -2.12
CA LYS A 29 -8.95 -1.36 -3.27
C LYS A 29 -7.77 -0.37 -2.98
N CYS A 30 -6.55 -0.93 -2.93
CA CYS A 30 -5.30 -0.16 -2.64
C CYS A 30 -4.09 -0.93 -3.22
N ILE A 31 -3.02 -0.17 -3.38
CA ILE A 31 -1.65 -0.71 -3.67
C ILE A 31 -0.67 0.24 -2.94
N CYS A 32 0.58 -0.22 -2.92
CA CYS A 32 1.74 0.54 -2.54
C CYS A 32 2.21 1.36 -3.76
N ARG A 33 2.62 2.58 -3.42
CA ARG A 33 2.87 3.67 -4.38
C ARG A 33 3.99 4.62 -3.90
N ASN A 34 4.85 5.07 -4.84
CA ASN A 34 6.04 5.91 -4.53
C ASN A 34 5.64 7.36 -4.13
N ASN A 35 6.30 7.86 -3.07
CA ASN A 35 6.13 9.25 -2.57
C ASN A 35 6.78 10.28 -3.56
N ASN A 36 8.09 10.18 -3.87
CA ASN A 36 8.76 11.03 -4.87
C ASN A 36 9.61 10.10 -5.77
N NH2 A 37 9.16 9.89 -7.16
HN1 NH2 A 37 8.30 10.34 -7.51
HN2 NH2 A 37 9.70 9.28 -7.79
N GLU A 1 2.56 -6.18 8.61
CA GLU A 1 3.66 -6.64 7.71
C GLU A 1 3.72 -5.72 6.46
N CYS A 2 4.94 -5.46 5.97
CA CYS A 2 5.17 -4.70 4.71
C CYS A 2 4.96 -5.51 3.41
N VAL A 3 4.48 -4.65 2.52
CA VAL A 3 4.07 -4.96 1.13
C VAL A 3 4.77 -3.91 0.19
N PRO A 4 5.64 -4.17 -0.83
CA PRO A 4 6.09 -3.13 -1.78
C PRO A 4 5.09 -2.89 -2.95
N GLU A 5 5.62 -2.27 -4.00
CA GLU A 5 4.86 -1.72 -5.14
C GLU A 5 4.00 -2.74 -5.89
N ASN A 6 2.88 -2.19 -6.37
CA ASN A 6 1.72 -2.94 -6.97
C ASN A 6 1.23 -4.19 -6.13
N GLY A 7 1.61 -4.27 -4.83
CA GLY A 7 1.06 -5.20 -3.85
C GLY A 7 -0.09 -4.46 -3.19
N HIS A 8 -1.16 -5.25 -3.06
CA HIS A 8 -2.50 -4.74 -2.66
C HIS A 8 -2.49 -4.52 -1.13
N CYS A 9 -2.73 -3.26 -0.70
CA CYS A 9 -2.48 -2.91 0.73
C CYS A 9 -3.79 -2.44 1.42
N ARG A 10 -3.62 -1.94 2.65
CA ARG A 10 -4.70 -1.63 3.61
C ARG A 10 -3.98 -0.94 4.79
N ASP A 11 -4.29 0.35 5.01
CA ASP A 11 -3.69 1.15 6.12
C ASP A 11 -4.37 0.88 7.52
N TRP A 12 -4.41 -0.40 7.89
CA TRP A 12 -5.11 -0.94 9.09
C TRP A 12 -4.54 -2.36 9.38
N TYR A 13 -4.52 -3.29 8.39
CA TYR A 13 -4.17 -4.72 8.60
C TYR A 13 -2.89 -5.06 7.79
N ASP A 14 -2.93 -5.13 6.43
CA ASP A 14 -1.75 -5.48 5.59
C ASP A 14 -1.15 -4.17 5.03
N GLU A 15 -0.17 -3.60 5.75
CA GLU A 15 0.36 -2.23 5.51
C GLU A 15 1.45 -2.22 4.40
N CYS A 16 1.53 -1.09 3.66
CA CYS A 16 2.64 -0.87 2.71
C CYS A 16 3.93 -0.42 3.46
N CYS A 17 5.04 -0.74 2.79
CA CYS A 17 6.42 -0.64 3.35
C CYS A 17 6.88 0.80 3.77
N GLU A 18 8.03 0.86 4.47
CA GLU A 18 8.72 2.11 4.85
C GLU A 18 9.68 2.48 3.67
N GLY A 19 9.07 3.23 2.78
CA GLY A 19 9.59 3.58 1.44
C GLY A 19 8.49 3.72 0.34
N PHE A 20 7.27 3.20 0.56
CA PHE A 20 6.09 3.46 -0.32
C PHE A 20 4.88 3.75 0.61
N TYR A 21 4.05 4.70 0.20
CA TYR A 21 2.76 5.01 0.89
C TYR A 21 1.62 4.16 0.25
N CYS A 22 0.67 3.73 1.10
CA CYS A 22 -0.47 2.89 0.66
C CYS A 22 -1.58 3.80 0.04
N SER A 23 -1.56 3.88 -1.30
CA SER A 23 -2.55 4.62 -2.12
C SER A 23 -3.89 3.84 -2.25
N CYS A 24 -4.89 4.20 -1.40
CA CYS A 24 -6.15 3.41 -1.25
C CYS A 24 -7.28 4.24 -1.90
N ARG A 25 -7.36 4.19 -3.24
CA ARG A 25 -8.23 5.10 -4.04
C ARG A 25 -9.74 4.77 -3.88
N GLN A 26 -10.17 3.51 -4.04
CA GLN A 26 -11.54 3.06 -3.69
C GLN A 26 -11.38 2.05 -2.50
N PRO A 27 -11.40 2.46 -1.19
CA PRO A 27 -11.04 1.55 -0.06
C PRO A 27 -12.11 0.44 0.23
N PRO A 28 -11.78 -0.84 0.59
CA PRO A 28 -10.39 -1.27 0.97
C PRO A 28 -9.41 -1.67 -0.20
N LYS A 29 -9.76 -1.50 -1.49
CA LYS A 29 -8.86 -1.80 -2.64
C LYS A 29 -7.77 -0.68 -2.72
N CYS A 30 -6.50 -1.14 -2.70
CA CYS A 30 -5.31 -0.26 -2.55
C CYS A 30 -4.08 -0.92 -3.23
N ILE A 31 -3.02 -0.14 -3.35
CA ILE A 31 -1.67 -0.66 -3.72
C ILE A 31 -0.64 0.27 -3.01
N CYS A 32 0.59 -0.24 -3.07
CA CYS A 32 1.79 0.48 -2.76
C CYS A 32 2.22 1.32 -3.98
N ARG A 33 2.53 2.54 -3.57
CA ARG A 33 2.75 3.69 -4.45
C ARG A 33 3.88 4.59 -3.87
N ASN A 34 4.91 4.91 -4.69
CA ASN A 34 6.15 5.55 -4.19
C ASN A 34 5.91 7.05 -3.82
N ASN A 35 6.41 7.42 -2.64
CA ASN A 35 6.50 8.84 -2.17
C ASN A 35 7.79 9.47 -2.76
N ASN A 36 7.62 10.55 -3.54
CA ASN A 36 8.74 11.22 -4.25
C ASN A 36 8.45 12.75 -4.23
N NH2 A 37 9.27 13.60 -3.35
HN1 NH2 A 37 10.01 13.18 -2.78
HN2 NH2 A 37 9.10 14.62 -3.33
N GLU A 1 8.78 -7.84 6.90
CA GLU A 1 8.49 -7.73 5.45
C GLU A 1 7.07 -7.15 5.29
N CYS A 2 6.96 -5.98 4.64
CA CYS A 2 5.68 -5.26 4.46
C CYS A 2 4.97 -5.76 3.15
N VAL A 3 3.99 -4.98 2.64
CA VAL A 3 3.45 -5.12 1.28
C VAL A 3 4.39 -4.18 0.41
N PRO A 4 5.21 -4.57 -0.61
CA PRO A 4 5.88 -3.59 -1.50
C PRO A 4 4.97 -3.09 -2.65
N GLU A 5 5.62 -2.54 -3.66
CA GLU A 5 5.01 -1.80 -4.78
C GLU A 5 4.26 -2.75 -5.73
N ASN A 6 3.11 -2.18 -6.15
CA ASN A 6 1.98 -2.87 -6.86
C ASN A 6 1.35 -4.06 -6.00
N GLY A 7 1.82 -4.32 -4.76
CA GLY A 7 1.16 -5.20 -3.79
C GLY A 7 -0.01 -4.42 -3.19
N HIS A 8 -1.08 -5.19 -3.06
CA HIS A 8 -2.43 -4.64 -2.74
C HIS A 8 -2.57 -4.52 -1.20
N CYS A 9 -2.86 -3.31 -0.69
CA CYS A 9 -2.80 -3.05 0.77
C CYS A 9 -4.21 -2.64 1.31
N ARG A 10 -4.26 -2.41 2.64
CA ARG A 10 -5.53 -2.22 3.44
C ARG A 10 -6.66 -3.26 3.10
N ASP A 11 -6.26 -4.54 3.18
CA ASP A 11 -7.15 -5.72 3.12
C ASP A 11 -7.51 -6.02 4.60
N TRP A 12 -8.43 -5.21 5.17
CA TRP A 12 -8.77 -5.12 6.63
C TRP A 12 -7.73 -4.08 7.22
N TYR A 13 -6.39 -4.31 7.16
CA TYR A 13 -5.40 -3.25 7.48
C TYR A 13 -4.07 -3.45 6.66
N ASP A 14 -3.47 -4.67 6.63
CA ASP A 14 -2.20 -5.06 5.91
C ASP A 14 -1.46 -3.89 5.17
N GLU A 15 -0.57 -3.20 5.92
CA GLU A 15 0.03 -1.91 5.48
C GLU A 15 1.23 -2.09 4.51
N CYS A 16 1.44 -1.04 3.70
CA CYS A 16 2.63 -0.92 2.83
C CYS A 16 3.89 -0.51 3.65
N CYS A 17 5.06 -0.78 3.05
CA CYS A 17 6.37 -0.32 3.63
C CYS A 17 6.49 1.23 3.76
N GLU A 18 7.44 1.62 4.65
CA GLU A 18 7.91 3.01 4.81
C GLU A 18 9.05 3.18 3.76
N GLY A 19 8.57 3.70 2.65
CA GLY A 19 9.25 3.80 1.37
C GLY A 19 8.26 3.89 0.18
N PHE A 20 7.11 3.18 0.24
CA PHE A 20 5.99 3.38 -0.73
C PHE A 20 4.73 3.52 0.18
N TYR A 21 4.01 4.63 0.01
CA TYR A 21 2.79 4.94 0.82
C TYR A 21 1.58 4.15 0.24
N CYS A 22 0.69 3.66 1.13
CA CYS A 22 -0.48 2.83 0.72
C CYS A 22 -1.61 3.76 0.17
N SER A 23 -1.59 3.92 -1.16
CA SER A 23 -2.61 4.68 -1.95
C SER A 23 -3.93 3.86 -2.11
N CYS A 24 -4.96 4.19 -1.32
CA CYS A 24 -6.18 3.37 -1.21
C CYS A 24 -7.32 4.15 -1.90
N ARG A 25 -7.41 3.92 -3.22
CA ARG A 25 -8.29 4.70 -4.14
C ARG A 25 -9.81 4.53 -3.81
N GLN A 26 -10.32 3.29 -3.69
CA GLN A 26 -11.68 3.00 -3.17
C GLN A 26 -11.52 1.88 -2.09
N PRO A 27 -11.35 2.17 -0.75
CA PRO A 27 -11.02 1.13 0.27
C PRO A 27 -12.08 -0.03 0.39
N PRO A 28 -11.72 -1.35 0.53
CA PRO A 28 -10.34 -1.84 0.80
C PRO A 28 -9.36 -1.99 -0.43
N LYS A 29 -9.72 -1.57 -1.66
CA LYS A 29 -8.85 -1.66 -2.86
C LYS A 29 -7.74 -0.57 -2.78
N CYS A 30 -6.48 -1.04 -2.84
CA CYS A 30 -5.28 -0.18 -2.59
C CYS A 30 -4.04 -0.85 -3.23
N ILE A 31 -2.96 -0.08 -3.30
CA ILE A 31 -1.60 -0.59 -3.62
C ILE A 31 -0.59 0.35 -2.91
N CYS A 32 0.65 -0.14 -2.95
CA CYS A 32 1.85 0.58 -2.63
C CYS A 32 2.26 1.43 -3.86
N ARG A 33 2.48 2.66 -3.49
CA ARG A 33 2.67 3.81 -4.39
C ARG A 33 3.87 4.68 -3.91
N ASN A 34 4.90 4.82 -4.77
CA ASN A 34 6.22 5.41 -4.39
C ASN A 34 6.12 6.88 -3.84
N ASN A 35 6.96 7.17 -2.83
CA ASN A 35 7.01 8.50 -2.15
C ASN A 35 7.68 9.57 -3.07
N ASN A 36 8.96 9.38 -3.50
CA ASN A 36 9.69 10.38 -4.32
C ASN A 36 10.69 9.62 -5.24
N NH2 A 37 11.65 8.69 -4.63
HN1 NH2 A 37 11.66 8.55 -3.60
HN2 NH2 A 37 12.32 8.18 -5.21
N GLU A 1 9.45 -8.39 5.53
CA GLU A 1 8.88 -7.88 4.26
C GLU A 1 7.41 -7.45 4.52
N CYS A 2 7.11 -6.21 4.13
CA CYS A 2 5.74 -5.63 4.20
C CYS A 2 4.93 -6.06 2.91
N VAL A 3 3.98 -5.22 2.45
CA VAL A 3 3.40 -5.32 1.10
C VAL A 3 4.33 -4.36 0.27
N PRO A 4 5.14 -4.71 -0.77
CA PRO A 4 5.82 -3.70 -1.62
C PRO A 4 4.90 -3.15 -2.75
N GLU A 5 5.54 -2.57 -3.75
CA GLU A 5 4.91 -1.78 -4.81
C GLU A 5 4.16 -2.70 -5.80
N ASN A 6 3.00 -2.12 -6.15
CA ASN A 6 1.87 -2.72 -6.86
C ASN A 6 1.23 -3.96 -6.10
N GLY A 7 1.70 -4.30 -4.86
CA GLY A 7 1.02 -5.23 -3.94
C GLY A 7 -0.12 -4.47 -3.28
N HIS A 8 -1.20 -5.22 -3.14
CA HIS A 8 -2.53 -4.68 -2.74
C HIS A 8 -2.54 -4.50 -1.20
N CYS A 9 -2.75 -3.26 -0.71
CA CYS A 9 -2.53 -2.96 0.72
C CYS A 9 -3.87 -2.52 1.40
N ARG A 10 -3.73 -1.99 2.62
CA ARG A 10 -4.84 -1.70 3.55
C ARG A 10 -4.14 -0.96 4.71
N ASP A 11 -4.43 0.35 4.83
CA ASP A 11 -4.01 1.18 5.99
C ASP A 11 -4.96 0.82 7.14
N TRP A 12 -4.44 -0.12 7.94
CA TRP A 12 -4.96 -0.62 9.25
C TRP A 12 -4.43 -2.09 9.38
N TYR A 13 -4.80 -3.03 8.47
CA TYR A 13 -4.53 -4.48 8.64
C TYR A 13 -3.24 -4.88 7.85
N ASP A 14 -3.29 -5.10 6.52
CA ASP A 14 -2.10 -5.54 5.72
C ASP A 14 -1.48 -4.27 5.06
N GLU A 15 -0.53 -3.65 5.77
CA GLU A 15 0.00 -2.30 5.39
C GLU A 15 1.21 -2.39 4.43
N CYS A 16 1.38 -1.31 3.64
CA CYS A 16 2.57 -1.13 2.79
C CYS A 16 3.82 -0.77 3.63
N CYS A 17 5.00 -1.05 3.03
CA CYS A 17 6.31 -0.65 3.63
C CYS A 17 6.46 0.89 3.85
N GLU A 18 7.39 1.23 4.77
CA GLU A 18 7.88 2.63 5.00
C GLU A 18 9.04 3.01 4.01
N GLY A 19 8.60 3.03 2.75
CA GLY A 19 9.27 3.52 1.55
C GLY A 19 8.32 3.68 0.33
N PHE A 20 7.09 3.12 0.38
CA PHE A 20 6.00 3.38 -0.59
C PHE A 20 4.74 3.57 0.30
N TYR A 21 4.02 4.68 0.08
CA TYR A 21 2.79 5.01 0.85
C TYR A 21 1.59 4.22 0.28
N CYS A 22 0.71 3.73 1.16
CA CYS A 22 -0.44 2.86 0.76
C CYS A 22 -1.59 3.76 0.17
N SER A 23 -1.55 3.88 -1.17
CA SER A 23 -2.55 4.62 -1.97
C SER A 23 -3.86 3.81 -2.17
N CYS A 24 -4.92 4.16 -1.44
CA CYS A 24 -6.15 3.32 -1.38
C CYS A 24 -7.23 3.87 -2.33
N ARG A 25 -7.72 5.10 -2.04
CA ARG A 25 -8.82 5.84 -2.77
C ARG A 25 -10.22 5.29 -2.33
N GLN A 26 -10.48 3.98 -2.46
CA GLN A 26 -11.71 3.33 -1.96
C GLN A 26 -11.29 2.04 -1.16
N PRO A 27 -11.07 2.07 0.19
CA PRO A 27 -10.73 0.86 1.00
C PRO A 27 -11.83 -0.26 0.98
N PRO A 28 -11.53 -1.59 0.94
CA PRO A 28 -10.16 -2.16 1.10
C PRO A 28 -9.26 -2.22 -0.18
N LYS A 29 -9.68 -1.74 -1.37
CA LYS A 29 -8.85 -1.75 -2.61
C LYS A 29 -7.77 -0.62 -2.52
N CYS A 30 -6.51 -1.04 -2.72
CA CYS A 30 -5.31 -0.18 -2.48
C CYS A 30 -4.08 -0.84 -3.16
N ILE A 31 -2.99 -0.08 -3.20
CA ILE A 31 -1.65 -0.62 -3.55
C ILE A 31 -0.62 0.31 -2.86
N CYS A 32 0.61 -0.20 -2.89
CA CYS A 32 1.81 0.53 -2.58
C CYS A 32 2.22 1.39 -3.80
N ARG A 33 2.54 2.61 -3.42
CA ARG A 33 2.73 3.73 -4.37
C ARG A 33 3.88 4.65 -3.89
N ASN A 34 4.93 4.79 -4.72
CA ASN A 34 6.20 5.46 -4.33
C ASN A 34 6.02 6.99 -4.08
N ASN A 35 6.69 7.47 -3.02
CA ASN A 35 6.83 8.93 -2.73
C ASN A 35 8.01 9.55 -3.58
N ASN A 36 9.23 8.98 -3.54
CA ASN A 36 10.38 9.45 -4.37
C ASN A 36 10.39 8.65 -5.70
N NH2 A 37 10.63 7.19 -5.66
HN1 NH2 A 37 10.77 6.72 -4.76
HN2 NH2 A 37 10.63 6.65 -6.53
N GLU A 1 8.61 -6.74 8.12
CA GLU A 1 8.81 -7.04 6.69
C GLU A 1 7.63 -6.41 5.90
N CYS A 2 7.95 -5.45 5.02
CA CYS A 2 6.95 -4.71 4.21
C CYS A 2 6.48 -5.43 2.90
N VAL A 3 5.37 -4.79 2.48
CA VAL A 3 4.72 -4.96 1.15
C VAL A 3 5.35 -3.89 0.18
N PRO A 4 6.16 -4.16 -0.89
CA PRO A 4 6.56 -3.10 -1.85
C PRO A 4 5.44 -2.74 -2.86
N GLU A 5 5.87 -2.14 -3.96
CA GLU A 5 4.99 -1.51 -4.95
C GLU A 5 4.24 -2.57 -5.77
N ASN A 6 3.04 -2.10 -6.14
CA ASN A 6 1.91 -2.87 -6.71
C ASN A 6 1.43 -4.05 -5.77
N GLY A 7 1.82 -4.09 -4.47
CA GLY A 7 1.24 -4.98 -3.46
C GLY A 7 0.00 -4.29 -2.88
N HIS A 8 -1.06 -5.09 -2.93
CA HIS A 8 -2.44 -4.62 -2.65
C HIS A 8 -2.71 -4.56 -1.13
N CYS A 9 -3.24 -3.41 -0.64
CA CYS A 9 -3.31 -3.18 0.81
C CYS A 9 -4.74 -2.66 1.19
N ARG A 10 -5.67 -3.62 1.36
CA ARG A 10 -7.11 -3.41 1.50
C ARG A 10 -7.47 -2.98 2.96
N ASP A 11 -8.64 -3.45 3.38
CA ASP A 11 -9.15 -3.35 4.79
C ASP A 11 -8.73 -4.58 5.67
N TRP A 12 -7.44 -4.92 5.57
CA TRP A 12 -6.76 -6.13 6.08
C TRP A 12 -5.48 -6.08 5.23
N TYR A 13 -4.36 -5.70 5.86
CA TYR A 13 -3.13 -5.38 5.13
C TYR A 13 -1.97 -5.17 6.12
N ASP A 14 -0.89 -5.83 5.73
CA ASP A 14 0.46 -5.62 6.29
C ASP A 14 1.00 -4.27 5.68
N GLU A 15 1.69 -3.46 6.50
CA GLU A 15 2.05 -2.05 6.13
C GLU A 15 2.95 -1.96 4.84
N CYS A 16 2.70 -0.90 4.02
CA CYS A 16 3.57 -0.62 2.86
C CYS A 16 4.91 0.03 3.34
N CYS A 17 5.89 -0.14 2.45
CA CYS A 17 7.35 0.16 2.72
C CYS A 17 7.67 1.61 3.19
N GLU A 18 8.91 1.78 3.71
CA GLU A 18 9.50 3.12 3.99
C GLU A 18 10.28 3.50 2.70
N GLY A 19 9.48 4.15 1.86
CA GLY A 19 9.77 4.45 0.46
C GLY A 19 8.53 4.32 -0.47
N PHE A 20 7.50 3.50 -0.12
CA PHE A 20 6.20 3.50 -0.84
C PHE A 20 5.09 3.51 0.24
N TYR A 21 4.16 4.43 0.10
CA TYR A 21 2.97 4.57 0.98
C TYR A 21 1.76 3.79 0.38
N CYS A 22 0.87 3.26 1.25
CA CYS A 22 -0.34 2.54 0.81
C CYS A 22 -1.44 3.53 0.31
N SER A 23 -1.40 3.76 -1.00
CA SER A 23 -2.41 4.57 -1.74
C SER A 23 -3.72 3.77 -2.02
N CYS A 24 -4.82 4.13 -1.35
CA CYS A 24 -6.08 3.34 -1.43
C CYS A 24 -7.14 4.06 -2.31
N ARG A 25 -7.52 5.28 -1.89
CA ARG A 25 -8.67 6.12 -2.41
C ARG A 25 -10.01 5.57 -1.82
N GLN A 26 -10.37 4.31 -2.08
CA GLN A 26 -11.52 3.63 -1.43
C GLN A 26 -11.10 2.13 -1.19
N PRO A 27 -10.94 1.60 0.06
CA PRO A 27 -10.69 0.15 0.29
C PRO A 27 -11.95 -0.74 -0.04
N PRO A 28 -11.85 -2.00 -0.55
CA PRO A 28 -10.58 -2.77 -0.66
C PRO A 28 -9.64 -2.48 -1.89
N LYS A 29 -9.90 -1.48 -2.76
CA LYS A 29 -8.95 -1.10 -3.84
C LYS A 29 -7.79 -0.25 -3.23
N CYS A 30 -6.55 -0.76 -3.35
CA CYS A 30 -5.33 -0.08 -2.85
C CYS A 30 -4.08 -0.84 -3.38
N ILE A 31 -2.99 -0.10 -3.40
CA ILE A 31 -1.63 -0.65 -3.64
C ILE A 31 -0.62 0.31 -2.95
N CYS A 32 0.61 -0.20 -2.93
CA CYS A 32 1.81 0.54 -2.62
C CYS A 32 2.21 1.40 -3.85
N ARG A 33 2.51 2.61 -3.46
CA ARG A 33 2.69 3.77 -4.37
C ARG A 33 3.86 4.68 -3.93
N ASN A 34 4.66 5.18 -4.90
CA ASN A 34 5.90 5.93 -4.59
C ASN A 34 5.60 7.41 -4.21
N ASN A 35 6.15 7.83 -3.06
CA ASN A 35 6.15 9.25 -2.60
C ASN A 35 7.39 10.00 -3.17
N ASN A 36 8.64 9.58 -2.85
CA ASN A 36 9.87 10.28 -3.29
C ASN A 36 10.58 9.42 -4.37
N NH2 A 37 11.10 8.09 -3.98
HN1 NH2 A 37 10.98 7.75 -3.02
HN2 NH2 A 37 11.57 7.50 -4.67
N GLU A 1 5.45 -6.69 8.86
CA GLU A 1 5.70 -7.20 7.49
C GLU A 1 5.04 -6.22 6.47
N CYS A 2 5.84 -5.76 5.48
CA CYS A 2 5.33 -4.92 4.38
C CYS A 2 4.94 -5.73 3.11
N VAL A 3 4.12 -4.94 2.41
CA VAL A 3 3.65 -5.14 1.02
C VAL A 3 4.51 -4.19 0.10
N PRO A 4 5.35 -4.57 -0.91
CA PRO A 4 5.95 -3.58 -1.84
C PRO A 4 4.92 -3.06 -2.89
N GLU A 5 5.48 -2.47 -3.93
CA GLU A 5 4.73 -1.71 -4.94
C GLU A 5 4.00 -2.65 -5.91
N ASN A 6 2.83 -2.12 -6.24
CA ASN A 6 1.70 -2.75 -6.92
C ASN A 6 1.09 -3.98 -6.12
N GLY A 7 1.61 -4.32 -4.91
CA GLY A 7 0.97 -5.24 -3.97
C GLY A 7 -0.16 -4.48 -3.27
N HIS A 8 -1.23 -5.25 -3.09
CA HIS A 8 -2.54 -4.70 -2.65
C HIS A 8 -2.47 -4.49 -1.11
N CYS A 9 -2.70 -3.25 -0.61
CA CYS A 9 -2.36 -2.96 0.80
C CYS A 9 -3.62 -2.80 1.70
N ARG A 10 -3.32 -3.07 2.98
CA ARG A 10 -4.27 -3.27 4.12
C ARG A 10 -5.10 -4.55 3.83
N ASP A 11 -4.41 -5.70 4.05
CA ASP A 11 -5.01 -7.05 4.06
C ASP A 11 -5.43 -7.31 5.53
N TRP A 12 -6.58 -6.70 5.90
CA TRP A 12 -7.11 -6.55 7.28
C TRP A 12 -6.34 -5.30 7.87
N TYR A 13 -5.01 -5.39 8.14
CA TYR A 13 -4.18 -4.20 8.49
C TYR A 13 -2.71 -4.25 7.92
N ASP A 14 -2.26 -5.27 7.16
CA ASP A 14 -0.85 -5.39 6.68
C ASP A 14 -0.56 -4.34 5.56
N GLU A 15 0.15 -3.27 5.97
CA GLU A 15 0.33 -2.04 5.14
C GLU A 15 1.57 -2.10 4.18
N CYS A 16 1.74 -1.00 3.42
CA CYS A 16 2.88 -0.79 2.50
C CYS A 16 4.19 -0.46 3.25
N CYS A 17 5.29 -0.67 2.51
CA CYS A 17 6.70 -0.47 3.00
C CYS A 17 7.02 0.95 3.58
N GLU A 18 8.17 1.03 4.29
CA GLU A 18 8.77 2.32 4.73
C GLU A 18 9.71 2.76 3.56
N GLY A 19 9.05 3.46 2.64
CA GLY A 19 9.54 3.83 1.32
C GLY A 19 8.41 3.87 0.24
N PHE A 20 7.27 3.16 0.43
CA PHE A 20 6.07 3.33 -0.44
C PHE A 20 4.87 3.55 0.54
N TYR A 21 4.03 4.53 0.20
CA TYR A 21 2.79 4.83 0.99
C TYR A 21 1.61 4.03 0.38
N CYS A 22 0.67 3.62 1.25
CA CYS A 22 -0.51 2.82 0.83
C CYS A 22 -1.59 3.74 0.18
N SER A 23 -1.50 3.85 -1.15
CA SER A 23 -2.46 4.61 -1.99
C SER A 23 -3.78 3.80 -2.23
N CYS A 24 -4.89 4.23 -1.61
CA CYS A 24 -6.18 3.50 -1.70
C CYS A 24 -7.04 4.25 -2.75
N ARG A 25 -6.74 3.94 -4.02
CA ARG A 25 -7.25 4.69 -5.20
C ARG A 25 -8.76 4.40 -5.48
N GLN A 26 -9.11 3.15 -5.84
CA GLN A 26 -10.50 2.74 -6.13
C GLN A 26 -10.91 1.72 -5.03
N PRO A 27 -11.61 2.08 -3.90
CA PRO A 27 -11.80 1.18 -2.74
C PRO A 27 -12.81 0.01 -3.02
N PRO A 28 -12.63 -1.25 -2.54
CA PRO A 28 -11.60 -1.63 -1.52
C PRO A 28 -10.14 -1.94 -2.04
N LYS A 29 -9.82 -1.77 -3.35
CA LYS A 29 -8.48 -2.08 -3.91
C LYS A 29 -7.51 -0.87 -3.67
N CYS A 30 -6.52 -1.14 -2.80
CA CYS A 30 -5.37 -0.23 -2.55
C CYS A 30 -4.10 -0.89 -3.15
N ILE A 31 -3.05 -0.10 -3.27
CA ILE A 31 -1.68 -0.63 -3.58
C ILE A 31 -0.67 0.28 -2.85
N CYS A 32 0.57 -0.20 -2.86
CA CYS A 32 1.73 0.57 -2.46
C CYS A 32 2.25 1.37 -3.69
N ARG A 33 2.58 2.60 -3.33
CA ARG A 33 2.85 3.69 -4.29
C ARG A 33 4.09 4.57 -3.92
N ASN A 34 4.80 5.08 -4.94
CA ASN A 34 6.05 5.89 -4.76
C ASN A 34 5.75 7.24 -4.03
N ASN A 35 6.55 7.52 -2.98
CA ASN A 35 6.54 8.84 -2.28
C ASN A 35 7.22 9.94 -3.16
N ASN A 36 8.50 9.77 -3.55
CA ASN A 36 9.20 10.72 -4.47
C ASN A 36 9.20 10.09 -5.87
N NH2 A 37 8.37 10.74 -6.92
HN1 NH2 A 37 7.82 11.57 -6.69
HN2 NH2 A 37 8.35 10.35 -7.87
#